data_7XBJ
#
_entry.id   7XBJ
#
_cell.length_a   94.576
_cell.length_b   97.029
_cell.length_c   147.953
_cell.angle_alpha   90.000
_cell.angle_beta   90.000
_cell.angle_gamma   90.000
#
_symmetry.space_group_name_H-M   'I 21 21 21'
#
loop_
_entity.id
_entity.type
_entity.pdbx_description
1 polymer '40kDa insecticidal toxin'
2 water water
#
_entity_poly.entity_id   1
_entity_poly.type   'polypeptide(L)'
_entity_poly.pdbx_seq_one_letter_code
;MVIKPVTTPSVIQLTPDDRVTPDDKGEYQPVEKQIAGDIIRVLEFKQTNESHTGLYGIAYRAKKVIIAYALAVSGIHNVS
QLPEDYYKNKDNTGRIYQEYMSNLLSALLGENGDQISKDMANDFTQNELEFGGQRLKNTWDIPDLENKLLEDYSDEDKLL
ALYFFASQELPMEANQQSNAANFFKVIDFLLILSAVTSLGKRIFSKNFYNGLETKSLENYIERKKLSKPFFRPPQKLPDG
RTGYLAGPTKAPKLPTTSSTATTSTAASSNWRVSLQKLRDNPSRNTFMKMDDAAKRKYSSFIKEVQKGNDPRAAAASIGT
KSGSNFEKLQGRDLYSIRLSQEHRVTFSINNTDQIMEIQSVGTHYQNI
;
_entity_poly.pdbx_strand_id   A,B
#
# COMPACT_ATOMS: atom_id res chain seq x y z
N PRO A 5 11.60 -9.63 17.73
CA PRO A 5 11.74 -9.97 19.14
C PRO A 5 11.71 -11.48 19.34
N VAL A 6 10.54 -12.00 19.68
CA VAL A 6 10.35 -13.43 19.81
C VAL A 6 9.11 -13.81 19.00
N THR A 7 8.96 -15.10 18.76
CA THR A 7 7.79 -15.64 18.08
C THR A 7 7.12 -16.64 19.01
N THR A 8 5.80 -16.72 18.91
CA THR A 8 5.01 -17.46 19.88
C THR A 8 4.99 -18.96 19.58
N TYR A 28 4.90 -28.45 17.56
CA TYR A 28 4.27 -27.70 16.48
C TYR A 28 5.12 -26.49 16.10
N GLN A 29 4.62 -25.71 15.15
CA GLN A 29 5.27 -24.49 14.70
C GLN A 29 4.62 -23.26 15.33
N PRO A 30 5.37 -22.19 15.57
CA PRO A 30 4.76 -20.98 16.10
C PRO A 30 3.69 -20.44 15.17
N VAL A 31 2.68 -19.79 15.75
CA VAL A 31 1.55 -19.29 14.97
C VAL A 31 2.00 -18.28 13.93
N GLU A 32 3.03 -17.49 14.23
CA GLU A 32 3.50 -16.50 13.27
C GLU A 32 4.05 -17.15 12.02
N LYS A 33 4.66 -18.33 12.16
CA LYS A 33 5.17 -19.05 11.00
C LYS A 33 4.04 -19.70 10.22
N GLN A 34 3.02 -20.20 10.93
CA GLN A 34 1.84 -20.72 10.24
C GLN A 34 1.15 -19.62 9.45
N ILE A 35 1.00 -18.45 10.05
CA ILE A 35 0.41 -17.31 9.34
C ILE A 35 1.28 -16.90 8.17
N ALA A 36 2.60 -16.85 8.38
CA ALA A 36 3.52 -16.55 7.30
C ALA A 36 3.36 -17.51 6.14
N GLY A 37 3.13 -18.79 6.44
CA GLY A 37 2.88 -19.77 5.39
C GLY A 37 1.64 -19.44 4.58
N ASP A 38 0.55 -19.08 5.26
CA ASP A 38 -0.66 -18.67 4.56
C ASP A 38 -0.40 -17.45 3.69
N ILE A 39 0.35 -16.48 4.21
CA ILE A 39 0.62 -15.25 3.47
C ILE A 39 1.45 -15.54 2.22
N ILE A 40 2.52 -16.34 2.38
CA ILE A 40 3.35 -16.70 1.23
C ILE A 40 2.52 -17.38 0.15
N ARG A 41 1.59 -18.24 0.55
CA ARG A 41 0.77 -18.94 -0.44
C ARG A 41 -0.18 -17.98 -1.15
N VAL A 42 -0.95 -17.20 -0.39
CA VAL A 42 -1.98 -16.38 -1.02
C VAL A 42 -1.36 -15.27 -1.86
N LEU A 43 -0.16 -14.81 -1.50
CA LEU A 43 0.55 -13.86 -2.35
C LEU A 43 1.25 -14.53 -3.51
N GLU A 44 1.25 -15.86 -3.55
CA GLU A 44 1.72 -16.65 -4.69
C GLU A 44 3.19 -16.36 -5.00
N PHE A 45 4.03 -16.64 -3.99
CA PHE A 45 5.47 -16.46 -4.15
C PHE A 45 6.06 -17.50 -5.09
N LYS A 46 5.63 -18.76 -4.98
CA LYS A 46 6.28 -19.88 -5.65
C LYS A 46 6.27 -19.71 -7.17
N TYR A 56 8.33 -26.66 -1.54
CA TYR A 56 8.18 -26.02 -0.23
C TYR A 56 9.29 -26.49 0.70
N GLY A 57 10.52 -26.20 0.32
CA GLY A 57 11.73 -26.63 0.99
C GLY A 57 12.35 -25.56 1.87
N ILE A 58 13.68 -25.51 1.88
CA ILE A 58 14.39 -24.67 2.83
C ILE A 58 14.40 -23.20 2.40
N ALA A 59 14.29 -22.92 1.09
CA ALA A 59 14.16 -21.53 0.66
C ALA A 59 12.81 -20.95 1.07
N TYR A 60 11.79 -21.80 1.12
CA TYR A 60 10.47 -21.37 1.59
C TYR A 60 10.47 -21.16 3.10
N ARG A 61 11.11 -22.06 3.85
CA ARG A 61 11.16 -21.92 5.30
C ARG A 61 11.99 -20.71 5.71
N ALA A 62 13.01 -20.36 4.92
CA ALA A 62 13.77 -19.14 5.19
C ALA A 62 12.88 -17.91 5.06
N LYS A 63 12.10 -17.83 3.98
CA LYS A 63 11.16 -16.73 3.82
C LYS A 63 10.06 -16.77 4.87
N LYS A 64 9.67 -17.96 5.31
CA LYS A 64 8.68 -18.07 6.38
C LYS A 64 9.21 -17.45 7.68
N VAL A 65 10.51 -17.64 7.95
CA VAL A 65 11.11 -17.02 9.13
C VAL A 65 11.03 -15.50 9.04
N ILE A 66 11.40 -14.94 7.89
CA ILE A 66 11.41 -13.49 7.73
C ILE A 66 10.02 -12.92 7.93
N ILE A 67 9.02 -13.49 7.24
CA ILE A 67 7.67 -12.94 7.34
C ILE A 67 7.08 -13.21 8.72
N ALA A 68 7.47 -14.31 9.37
CA ALA A 68 7.06 -14.52 10.75
C ALA A 68 7.53 -13.39 11.65
N TYR A 69 8.77 -12.93 11.45
CA TYR A 69 9.29 -11.84 12.28
C TYR A 69 8.66 -10.50 11.92
N ALA A 70 8.34 -10.28 10.65
CA ALA A 70 7.59 -9.08 10.27
C ALA A 70 6.24 -9.04 10.98
N LEU A 71 5.58 -10.18 11.10
CA LEU A 71 4.34 -10.27 11.88
C LEU A 71 4.62 -9.99 13.36
N ALA A 72 5.70 -10.55 13.91
CA ALA A 72 6.00 -10.37 15.32
C ALA A 72 6.20 -8.90 15.68
N VAL A 73 7.06 -8.20 14.93
CA VAL A 73 7.33 -6.80 15.24
C VAL A 73 6.11 -5.92 15.01
N SER A 74 5.16 -6.37 14.20
CA SER A 74 3.92 -5.63 13.99
C SER A 74 2.85 -5.99 15.01
N GLY A 75 3.17 -6.84 15.99
CA GLY A 75 2.24 -7.19 17.04
C GLY A 75 1.22 -8.25 16.68
N ILE A 76 1.42 -8.97 15.59
CA ILE A 76 0.51 -10.03 15.18
C ILE A 76 1.01 -11.34 15.77
N HIS A 77 0.28 -11.87 16.75
CA HIS A 77 0.61 -13.12 17.40
C HIS A 77 -0.58 -14.07 17.48
N ASN A 78 -1.71 -13.71 16.89
CA ASN A 78 -2.90 -14.55 16.83
C ASN A 78 -3.59 -14.34 15.49
N VAL A 79 -4.21 -15.40 14.99
CA VAL A 79 -4.95 -15.27 13.74
C VAL A 79 -6.11 -14.30 13.89
N SER A 80 -6.61 -14.13 15.13
CA SER A 80 -7.72 -13.21 15.37
C SER A 80 -7.31 -11.75 15.27
N GLN A 81 -6.01 -11.45 15.17
CA GLN A 81 -5.54 -10.09 14.99
C GLN A 81 -5.45 -9.68 13.53
N LEU A 82 -5.60 -10.62 12.61
CA LEU A 82 -5.66 -10.42 11.18
C LEU A 82 -7.10 -10.37 10.70
N PRO A 83 -7.36 -9.79 9.53
CA PRO A 83 -8.69 -9.96 8.93
C PRO A 83 -8.96 -11.44 8.70
N GLU A 84 -10.22 -11.84 8.86
CA GLU A 84 -10.58 -13.24 8.77
C GLU A 84 -10.29 -13.83 7.40
N ASP A 85 -10.21 -12.99 6.37
CA ASP A 85 -9.96 -13.44 5.00
C ASP A 85 -8.51 -13.30 4.59
N TYR A 86 -7.60 -13.17 5.56
CA TYR A 86 -6.18 -12.97 5.25
C TYR A 86 -5.62 -14.11 4.40
N TYR A 87 -6.07 -15.33 4.65
CA TYR A 87 -5.53 -16.49 3.95
C TYR A 87 -6.07 -16.65 2.53
N LYS A 88 -7.07 -15.86 2.14
CA LYS A 88 -7.74 -16.04 0.87
C LYS A 88 -7.85 -14.78 0.03
N ASN A 89 -7.45 -13.62 0.54
CA ASN A 89 -7.60 -12.35 -0.16
C ASN A 89 -6.20 -11.83 -0.51
N LYS A 90 -5.82 -12.00 -1.78
CA LYS A 90 -4.49 -11.60 -2.22
C LYS A 90 -4.28 -10.09 -2.12
N ASP A 91 -5.29 -9.31 -2.52
CA ASP A 91 -5.12 -7.86 -2.57
C ASP A 91 -5.03 -7.26 -1.18
N ASN A 92 -5.97 -7.61 -0.30
CA ASN A 92 -5.95 -7.11 1.07
C ASN A 92 -4.71 -7.57 1.82
N THR A 93 -4.40 -8.87 1.75
CA THR A 93 -3.26 -9.41 2.49
C THR A 93 -1.95 -8.85 1.97
N GLY A 94 -1.85 -8.62 0.66
CA GLY A 94 -0.65 -7.98 0.12
C GLY A 94 -0.39 -6.62 0.75
N ARG A 95 -1.46 -5.86 0.99
CA ARG A 95 -1.32 -4.54 1.59
C ARG A 95 -0.78 -4.64 3.01
N ILE A 96 -1.43 -5.45 3.86
CA ILE A 96 -0.99 -5.55 5.24
C ILE A 96 0.38 -6.20 5.33
N TYR A 97 0.67 -7.14 4.43
CA TYR A 97 2.00 -7.74 4.37
C TYR A 97 3.08 -6.69 4.14
N GLN A 98 2.82 -5.75 3.22
CA GLN A 98 3.82 -4.73 2.91
C GLN A 98 4.01 -3.78 4.09
N GLU A 99 2.93 -3.49 4.82
CA GLU A 99 3.06 -2.73 6.06
C GLU A 99 3.94 -3.47 7.05
N TYR A 100 3.66 -4.77 7.24
CA TYR A 100 4.43 -5.57 8.19
C TYR A 100 5.91 -5.62 7.79
N MET A 101 6.19 -5.79 6.50
CA MET A 101 7.58 -5.85 6.05
C MET A 101 8.29 -4.53 6.28
N SER A 102 7.58 -3.41 6.10
CA SER A 102 8.17 -2.11 6.36
C SER A 102 8.48 -1.92 7.84
N ASN A 103 7.61 -2.41 8.72
CA ASN A 103 7.92 -2.41 10.14
C ASN A 103 9.20 -3.18 10.42
N LEU A 104 9.39 -4.31 9.74
CA LEU A 104 10.60 -5.10 9.91
C LEU A 104 11.82 -4.38 9.36
N LEU A 105 11.68 -3.72 8.21
CA LEU A 105 12.79 -2.93 7.67
C LEU A 105 13.23 -1.86 8.65
N SER A 106 12.28 -1.16 9.25
CA SER A 106 12.61 -0.15 10.26
C SER A 106 13.33 -0.77 11.44
N ALA A 107 12.86 -1.94 11.89
CA ALA A 107 13.53 -2.62 13.00
C ALA A 107 14.97 -2.95 12.63
N LEU A 108 15.20 -3.37 11.39
CA LEU A 108 16.57 -3.66 10.95
C LEU A 108 17.42 -2.40 10.91
N LEU A 109 16.83 -1.28 10.51
CA LEU A 109 17.55 -0.01 10.45
C LEU A 109 17.66 0.69 11.80
N GLY A 110 16.99 0.18 12.84
CA GLY A 110 17.01 0.79 14.14
C GLY A 110 18.22 0.39 14.96
N GLU A 111 18.21 0.81 16.24
CA GLU A 111 19.35 0.58 17.11
C GLU A 111 19.69 -0.88 17.26
N ASN A 112 18.69 -1.77 17.17
CA ASN A 112 18.86 -3.19 17.45
C ASN A 112 18.82 -4.06 16.20
N GLY A 113 19.01 -3.46 15.01
CA GLY A 113 18.84 -4.22 13.78
C GLY A 113 19.84 -5.36 13.62
N ASP A 114 21.07 -5.18 14.12
CA ASP A 114 22.07 -6.23 13.98
C ASP A 114 21.69 -7.47 14.77
N GLN A 115 21.32 -7.30 16.05
CA GLN A 115 20.96 -8.45 16.86
C GLN A 115 19.66 -9.07 16.37
N ILE A 116 18.71 -8.24 15.95
CA ILE A 116 17.46 -8.76 15.39
C ILE A 116 17.75 -9.66 14.20
N SER A 117 18.63 -9.21 13.31
CA SER A 117 19.02 -10.04 12.17
C SER A 117 19.64 -11.35 12.61
N LYS A 118 20.49 -11.30 13.64
CA LYS A 118 21.12 -12.52 14.15
C LYS A 118 20.10 -13.42 14.82
N ASP A 119 19.18 -12.83 15.59
CA ASP A 119 18.09 -13.61 16.19
C ASP A 119 17.31 -14.37 15.12
N MET A 120 16.97 -13.68 14.02
CA MET A 120 16.22 -14.33 12.95
C MET A 120 17.05 -15.44 12.30
N ALA A 121 18.34 -15.18 12.06
CA ALA A 121 19.20 -16.19 11.45
C ALA A 121 19.35 -17.40 12.35
N ASN A 122 19.47 -17.18 13.66
CA ASN A 122 19.54 -18.29 14.60
C ASN A 122 18.22 -19.05 14.66
N ASP A 123 17.10 -18.33 14.66
CA ASP A 123 15.78 -18.96 14.56
C ASP A 123 15.73 -19.91 13.37
N PHE A 124 16.19 -19.44 12.21
CA PHE A 124 16.19 -20.27 11.01
C PHE A 124 17.08 -21.51 11.19
N THR A 125 18.29 -21.31 11.72
CA THR A 125 19.25 -22.42 11.83
C THR A 125 18.81 -23.44 12.87
N GLN A 126 18.32 -22.96 14.02
CA GLN A 126 17.85 -23.88 15.06
C GLN A 126 16.70 -24.74 14.56
N ASN A 127 15.79 -24.16 13.77
CA ASN A 127 14.62 -24.89 13.33
C ASN A 127 14.92 -25.86 12.20
N GLU A 128 16.03 -25.68 11.50
CA GLU A 128 16.50 -26.72 10.58
C GLU A 128 17.14 -27.88 11.31
N LEU A 129 17.58 -27.68 12.55
CA LEU A 129 18.18 -28.74 13.36
C LEU A 129 17.14 -29.57 14.09
N GLU A 130 16.11 -28.92 14.66
CA GLU A 130 15.10 -29.63 15.43
C GLU A 130 13.95 -30.13 14.57
N PHE A 131 13.49 -29.32 13.61
CA PHE A 131 12.36 -29.68 12.76
C PHE A 131 12.78 -30.06 11.35
N GLY A 132 14.08 -30.01 11.03
CA GLY A 132 14.59 -30.46 9.76
C GLY A 132 15.49 -31.67 9.92
N GLY A 133 15.93 -32.21 8.79
CA GLY A 133 16.74 -33.40 8.80
C GLY A 133 18.22 -33.15 8.95
N GLN A 134 18.59 -32.04 9.56
CA GLN A 134 19.97 -31.60 9.65
C GLN A 134 20.55 -31.91 11.03
N ARG A 135 21.78 -32.43 11.04
CA ARG A 135 22.50 -32.73 12.27
C ARG A 135 23.45 -31.61 12.64
N LEU A 136 23.86 -31.60 13.91
CA LEU A 136 24.93 -30.70 14.34
C LEU A 136 26.20 -30.94 13.55
N LYS A 137 26.56 -32.22 13.37
CA LYS A 137 27.75 -32.60 12.60
C LYS A 137 27.33 -32.94 11.18
N ASN A 138 26.96 -31.87 10.46
CA ASN A 138 26.44 -31.95 9.11
C ASN A 138 26.68 -30.60 8.45
N THR A 139 26.81 -30.60 7.12
CA THR A 139 27.07 -29.38 6.38
C THR A 139 25.95 -29.07 5.40
N TRP A 140 25.90 -27.79 5.00
CA TRP A 140 24.99 -27.29 3.99
C TRP A 140 25.78 -26.87 2.75
N ASP A 141 25.10 -26.88 1.60
CA ASP A 141 25.74 -26.54 0.32
C ASP A 141 25.60 -25.03 0.12
N ILE A 142 26.47 -24.29 0.81
CA ILE A 142 26.43 -22.83 0.78
C ILE A 142 27.82 -22.30 0.43
N PRO A 143 27.93 -21.29 -0.42
CA PRO A 143 29.24 -20.71 -0.72
C PRO A 143 29.95 -20.24 0.54
N ASP A 144 31.25 -20.49 0.60
CA ASP A 144 32.09 -20.12 1.75
C ASP A 144 31.66 -20.83 3.02
N LEU A 145 31.02 -21.99 2.87
CA LEU A 145 30.53 -22.75 4.03
C LEU A 145 30.48 -24.24 3.77
N GLU A 146 30.90 -24.73 2.60
CA GLU A 146 30.70 -26.13 2.23
C GLU A 146 31.42 -27.11 3.14
N ASN A 147 32.46 -26.69 3.86
CA ASN A 147 33.23 -27.59 4.71
C ASN A 147 33.00 -27.34 6.18
N LYS A 148 31.97 -26.59 6.55
CA LYS A 148 31.76 -26.16 7.92
C LYS A 148 30.59 -26.93 8.52
N LEU A 149 30.84 -27.60 9.65
CA LEU A 149 29.76 -28.28 10.33
C LEU A 149 28.85 -27.27 11.01
N LEU A 150 27.59 -27.63 11.16
CA LEU A 150 26.60 -26.66 11.60
C LEU A 150 26.84 -26.23 13.05
N GLU A 151 27.49 -27.09 13.85
CA GLU A 151 27.75 -26.75 15.24
C GLU A 151 28.78 -25.63 15.37
N ASP A 152 29.66 -25.48 14.38
CA ASP A 152 30.71 -24.47 14.39
C ASP A 152 30.27 -23.14 13.79
N TYR A 153 29.03 -23.05 13.31
CA TYR A 153 28.51 -21.82 12.71
C TYR A 153 28.55 -20.64 13.68
N SER A 154 29.26 -19.58 13.29
CA SER A 154 29.18 -18.31 13.98
C SER A 154 27.84 -17.63 13.67
N ASP A 155 27.57 -16.52 14.38
CA ASP A 155 26.36 -15.76 14.09
C ASP A 155 26.35 -15.28 12.65
N GLU A 156 27.52 -14.92 12.11
CA GLU A 156 27.59 -14.47 10.73
C GLU A 156 27.38 -15.60 9.74
N ASP A 157 27.87 -16.80 10.06
CA ASP A 157 27.56 -17.97 9.23
C ASP A 157 26.05 -18.17 9.14
N LYS A 158 25.35 -18.04 10.27
CA LYS A 158 23.90 -18.17 10.27
C LYS A 158 23.25 -17.06 9.45
N LEU A 159 23.77 -15.84 9.56
CA LEU A 159 23.30 -14.76 8.69
C LEU A 159 23.45 -15.14 7.22
N LEU A 160 24.61 -15.68 6.85
CA LEU A 160 24.84 -16.10 5.47
C LEU A 160 23.88 -17.21 5.07
N ALA A 161 23.62 -18.16 5.96
CA ALA A 161 22.73 -19.27 5.65
C ALA A 161 21.31 -18.78 5.41
N LEU A 162 20.79 -17.95 6.32
CA LEU A 162 19.47 -17.37 6.12
C LEU A 162 19.40 -16.56 4.83
N TYR A 163 20.41 -15.73 4.61
CA TYR A 163 20.47 -14.90 3.41
C TYR A 163 20.46 -15.75 2.15
N PHE A 164 21.37 -16.72 2.07
CA PHE A 164 21.50 -17.55 0.88
C PHE A 164 20.19 -18.25 0.53
N PHE A 165 19.58 -18.94 1.50
CA PHE A 165 18.39 -19.74 1.20
C PHE A 165 17.18 -18.85 0.90
N ALA A 166 17.00 -17.77 1.67
CA ALA A 166 15.90 -16.86 1.42
C ALA A 166 15.98 -16.24 0.03
N SER A 167 17.20 -15.99 -0.47
CA SER A 167 17.37 -15.34 -1.76
C SER A 167 16.97 -16.21 -2.94
N GLN A 168 16.92 -17.53 -2.76
CA GLN A 168 16.61 -18.43 -3.87
C GLN A 168 15.12 -18.39 -4.20
N GLU A 169 14.80 -18.75 -5.45
CA GLU A 169 13.43 -18.80 -5.96
C GLU A 169 12.72 -17.47 -5.86
N LEU A 170 13.47 -16.39 -5.77
CA LEU A 170 12.88 -15.07 -5.51
C LEU A 170 13.10 -14.13 -6.68
N PRO A 171 12.04 -13.78 -7.42
CA PRO A 171 12.19 -13.00 -8.66
C PRO A 171 12.59 -11.54 -8.46
N MET A 172 13.85 -11.22 -8.75
CA MET A 172 14.22 -9.82 -8.91
C MET A 172 13.54 -9.22 -10.13
N GLU A 173 13.45 -9.99 -11.22
CA GLU A 173 12.75 -9.57 -12.43
C GLU A 173 11.31 -10.09 -12.33
N ALA A 174 10.46 -9.32 -11.67
CA ALA A 174 9.08 -9.71 -11.45
C ALA A 174 8.21 -9.29 -12.63
N ASN A 175 6.90 -9.55 -12.53
CA ASN A 175 6.01 -9.48 -13.68
C ASN A 175 4.85 -8.51 -13.49
N GLN A 176 3.98 -8.74 -12.50
CA GLN A 176 2.72 -8.02 -12.38
C GLN A 176 2.75 -7.08 -11.17
N GLN A 177 2.04 -5.95 -11.29
CA GLN A 177 1.92 -4.97 -10.22
C GLN A 177 1.34 -5.62 -8.97
N SER A 178 1.73 -5.09 -7.81
CA SER A 178 1.27 -5.51 -6.48
C SER A 178 1.91 -6.83 -6.12
N ASN A 179 1.85 -7.81 -7.02
CA ASN A 179 2.66 -9.00 -6.89
C ASN A 179 4.10 -8.57 -6.74
N ALA A 180 4.68 -8.01 -7.82
CA ALA A 180 6.07 -7.55 -7.82
C ALA A 180 6.45 -6.83 -6.54
N ALA A 181 5.62 -5.87 -6.11
CA ALA A 181 5.91 -5.11 -4.90
C ALA A 181 6.03 -6.02 -3.69
N ASN A 182 5.26 -7.12 -3.66
CA ASN A 182 5.35 -8.05 -2.55
C ASN A 182 6.71 -8.76 -2.54
N PHE A 183 7.15 -9.24 -3.71
CA PHE A 183 8.45 -9.90 -3.78
C PHE A 183 9.58 -8.92 -3.49
N PHE A 184 9.41 -7.66 -3.90
CA PHE A 184 10.49 -6.68 -3.73
C PHE A 184 10.73 -6.37 -2.25
N LYS A 185 9.71 -6.54 -1.40
CA LYS A 185 9.91 -6.33 0.03
C LYS A 185 10.94 -7.31 0.60
N VAL A 186 11.01 -8.52 0.04
CA VAL A 186 12.01 -9.48 0.49
C VAL A 186 13.39 -9.09 -0.02
N ILE A 187 13.48 -8.50 -1.22
CA ILE A 187 14.75 -7.97 -1.69
C ILE A 187 15.27 -6.91 -0.74
N ASP A 188 14.43 -5.92 -0.43
CA ASP A 188 14.79 -4.86 0.49
C ASP A 188 15.32 -5.41 1.80
N PHE A 189 14.59 -6.37 2.38
CA PHE A 189 15.00 -6.95 3.65
C PHE A 189 16.40 -7.54 3.58
N LEU A 190 16.64 -8.39 2.58
CA LEU A 190 17.92 -9.09 2.51
C LEU A 190 19.08 -8.11 2.31
N LEU A 191 18.90 -7.16 1.39
CA LEU A 191 19.94 -6.16 1.14
C LEU A 191 20.24 -5.35 2.38
N ILE A 192 19.21 -4.82 3.03
CA ILE A 192 19.38 -4.07 4.27
C ILE A 192 20.09 -4.94 5.32
N LEU A 193 19.63 -6.19 5.49
CA LEU A 193 20.29 -7.09 6.42
C LEU A 193 21.78 -7.20 6.13
N SER A 194 22.13 -7.31 4.85
CA SER A 194 23.55 -7.37 4.48
C SER A 194 24.26 -6.06 4.81
N ALA A 195 23.55 -4.94 4.82
CA ALA A 195 24.17 -3.66 5.15
C ALA A 195 24.21 -3.44 6.65
N VAL A 196 23.15 -3.83 7.36
CA VAL A 196 23.09 -3.59 8.80
C VAL A 196 24.04 -4.52 9.56
N THR A 197 24.25 -5.72 9.06
CA THR A 197 25.18 -6.66 9.67
C THR A 197 26.54 -6.61 8.97
N SER A 198 27.47 -7.43 9.46
CA SER A 198 28.77 -7.63 8.82
C SER A 198 28.67 -8.47 7.56
N LEU A 199 27.52 -9.09 7.30
CA LEU A 199 27.39 -10.04 6.18
C LEU A 199 27.80 -9.42 4.86
N GLY A 200 27.39 -8.18 4.60
CA GLY A 200 27.71 -7.54 3.33
C GLY A 200 29.20 -7.40 3.08
N LYS A 201 29.99 -7.32 4.13
CA LYS A 201 31.44 -7.28 3.97
C LYS A 201 31.97 -8.61 3.44
N ARG A 202 31.36 -9.72 3.88
CA ARG A 202 31.80 -11.04 3.48
C ARG A 202 31.40 -11.33 2.03
N ILE A 203 30.10 -11.24 1.72
CA ILE A 203 29.58 -11.69 0.44
C ILE A 203 29.99 -10.79 -0.72
N PHE A 204 30.33 -9.53 -0.46
CA PHE A 204 30.64 -8.58 -1.52
C PHE A 204 32.14 -8.35 -1.71
N SER A 205 32.99 -9.17 -1.11
CA SER A 205 34.42 -9.18 -1.37
C SER A 205 34.76 -10.24 -2.41
N LYS A 206 35.91 -10.04 -3.07
CA LYS A 206 36.28 -10.93 -4.16
C LYS A 206 36.74 -12.30 -3.66
N ASN A 207 37.34 -12.35 -2.47
CA ASN A 207 37.81 -13.62 -1.92
C ASN A 207 36.66 -14.57 -1.60
N PHE A 208 35.44 -14.03 -1.41
CA PHE A 208 34.28 -14.88 -1.20
C PHE A 208 34.09 -15.86 -2.36
N TYR A 209 34.33 -15.40 -3.59
CA TYR A 209 34.14 -16.22 -4.78
C TYR A 209 35.42 -16.87 -5.30
N ASN A 210 36.53 -16.14 -5.32
CA ASN A 210 37.79 -16.73 -5.78
C ASN A 210 38.40 -17.69 -4.80
N GLY A 211 37.88 -17.73 -3.57
CA GLY A 211 38.32 -18.64 -2.53
C GLY A 211 37.58 -19.96 -2.49
N LEU A 212 36.71 -20.20 -3.48
CA LEU A 212 35.95 -21.43 -3.59
C LEU A 212 36.62 -22.35 -4.59
N GLU A 213 36.24 -23.62 -4.54
CA GLU A 213 36.64 -24.51 -5.61
C GLU A 213 35.94 -24.07 -6.89
N THR A 214 36.63 -24.24 -8.02
CA THR A 214 36.05 -23.78 -9.28
C THR A 214 34.82 -24.61 -9.66
N LYS A 215 34.80 -25.89 -9.28
CA LYS A 215 33.60 -26.68 -9.48
C LYS A 215 32.45 -26.12 -8.68
N SER A 216 32.66 -25.85 -7.39
CA SER A 216 31.62 -25.26 -6.55
C SER A 216 31.07 -23.99 -7.17
N LEU A 217 31.96 -23.06 -7.55
CA LEU A 217 31.52 -21.83 -8.20
C LEU A 217 30.71 -22.14 -9.45
N GLU A 218 31.12 -23.18 -10.19
CA GLU A 218 30.46 -23.52 -11.44
C GLU A 218 28.99 -23.86 -11.22
N ASN A 219 28.71 -24.88 -10.40
CA ASN A 219 27.31 -25.21 -10.11
C ASN A 219 26.55 -24.07 -9.44
N TYR A 220 27.24 -23.23 -8.66
CA TYR A 220 26.54 -22.10 -8.04
C TYR A 220 26.05 -21.09 -9.09
N ILE A 221 26.92 -20.74 -10.05
CA ILE A 221 26.49 -19.83 -11.11
C ILE A 221 25.50 -20.51 -12.05
N GLU A 222 25.70 -21.80 -12.32
CA GLU A 222 24.86 -22.47 -13.31
C GLU A 222 23.45 -22.69 -12.80
N ARG A 223 23.30 -23.08 -11.54
CA ARG A 223 21.99 -23.21 -10.93
C ARG A 223 21.41 -21.87 -10.48
N LYS A 224 22.05 -20.75 -10.84
CA LYS A 224 21.56 -19.40 -10.56
C LYS A 224 21.40 -19.15 -9.06
N LYS A 225 22.22 -19.82 -8.25
CA LYS A 225 22.18 -19.65 -6.80
C LYS A 225 22.85 -18.36 -6.34
N LEU A 226 23.65 -17.72 -7.20
CA LEU A 226 24.30 -16.47 -6.85
C LEU A 226 23.75 -15.32 -7.68
N SER A 227 22.42 -15.21 -7.75
CA SER A 227 21.80 -14.15 -8.52
C SER A 227 22.04 -12.78 -7.90
N LYS A 228 22.07 -11.76 -8.75
CA LYS A 228 22.09 -10.38 -8.29
C LYS A 228 20.70 -9.95 -7.88
N PRO A 229 20.57 -8.96 -6.97
CA PRO A 229 21.61 -8.19 -6.29
C PRO A 229 22.17 -8.89 -5.06
N PHE A 230 21.71 -10.12 -4.82
CA PHE A 230 22.07 -10.80 -3.58
C PHE A 230 23.57 -11.08 -3.54
N PHE A 231 24.14 -11.46 -4.67
CA PHE A 231 25.55 -11.77 -4.76
C PHE A 231 26.15 -11.07 -5.98
N ARG A 232 27.46 -10.91 -5.94
CA ARG A 232 28.20 -10.25 -7.02
C ARG A 232 29.33 -11.17 -7.47
N PRO A 233 28.99 -12.35 -7.99
CA PRO A 233 30.03 -13.23 -8.49
C PRO A 233 30.73 -12.59 -9.67
N PRO A 234 32.00 -12.93 -9.90
CA PRO A 234 32.69 -12.39 -11.08
C PRO A 234 31.87 -12.65 -12.33
N GLN A 235 32.08 -11.87 -13.38
CA GLN A 235 31.32 -11.98 -14.63
C GLN A 235 29.82 -12.20 -14.40
N SER A 269 28.61 -0.43 -9.91
CA SER A 269 29.92 -0.78 -9.39
C SER A 269 29.80 -1.69 -8.17
N ASN A 270 30.85 -1.74 -7.36
CA ASN A 270 30.95 -2.66 -6.22
C ASN A 270 30.87 -1.93 -4.89
N TRP A 271 30.00 -0.92 -4.78
CA TRP A 271 29.85 -0.18 -3.54
C TRP A 271 29.13 -1.04 -2.49
N ARG A 272 29.38 -0.73 -1.23
CA ARG A 272 28.67 -1.37 -0.13
C ARG A 272 28.63 -0.42 1.06
N VAL A 273 27.71 -0.70 1.97
CA VAL A 273 27.50 0.11 3.17
C VAL A 273 28.22 -0.52 4.34
N SER A 274 28.84 0.31 5.18
CA SER A 274 29.37 -0.12 6.47
C SER A 274 28.62 0.61 7.57
N LEU A 275 27.92 -0.16 8.40
CA LEU A 275 27.26 0.36 9.59
C LEU A 275 28.00 -0.08 10.86
N GLN A 276 29.30 -0.34 10.73
CA GLN A 276 30.11 -0.78 11.84
C GLN A 276 30.13 0.24 12.97
N LYS A 277 30.25 1.53 12.62
CA LYS A 277 30.30 2.57 13.65
C LYS A 277 29.05 2.63 14.50
N LEU A 278 27.92 2.13 13.98
CA LEU A 278 26.68 2.14 14.73
C LEU A 278 26.45 0.84 15.47
N ARG A 279 27.06 -0.25 15.02
CA ARG A 279 27.09 -1.49 15.79
C ARG A 279 27.97 -1.35 17.02
N ASP A 280 29.14 -0.73 16.88
CA ASP A 280 30.03 -0.51 18.03
C ASP A 280 29.50 0.56 18.97
N ASN A 281 28.65 1.46 18.51
CA ASN A 281 28.18 2.59 19.31
C ASN A 281 26.75 2.88 18.89
N PRO A 282 25.78 2.11 19.40
CA PRO A 282 24.39 2.31 18.99
C PRO A 282 23.82 3.69 19.29
N SER A 283 24.46 4.49 20.15
CA SER A 283 23.95 5.84 20.36
C SER A 283 24.11 6.72 19.12
N ARG A 284 24.91 6.29 18.14
CA ARG A 284 24.99 7.01 16.87
C ARG A 284 23.77 6.78 16.01
N ASN A 285 22.99 5.75 16.30
CA ASN A 285 21.76 5.45 15.57
C ASN A 285 20.58 5.96 16.38
N THR A 286 19.95 7.03 15.90
CA THR A 286 18.67 7.49 16.43
C THR A 286 17.61 7.48 15.34
N PHE A 287 17.71 6.49 14.45
CA PHE A 287 16.75 6.30 13.36
C PHE A 287 15.32 6.30 13.85
N MET A 288 15.06 5.68 15.00
CA MET A 288 13.70 5.54 15.51
C MET A 288 13.06 6.89 15.86
N LYS A 289 13.87 7.91 16.17
CA LYS A 289 13.31 9.20 16.53
C LYS A 289 12.83 10.00 15.33
N MET A 290 13.14 9.56 14.12
CA MET A 290 12.73 10.27 12.91
C MET A 290 11.26 9.99 12.59
N ASP A 291 10.70 10.83 11.73
CA ASP A 291 9.39 10.61 11.16
C ASP A 291 9.47 9.56 10.05
N ASP A 292 8.30 9.10 9.60
CA ASP A 292 8.25 8.02 8.63
C ASP A 292 8.94 8.41 7.33
N ALA A 293 8.82 9.68 6.92
CA ALA A 293 9.39 10.10 5.64
C ALA A 293 10.91 10.15 5.70
N ALA A 294 11.47 10.56 6.84
CA ALA A 294 12.92 10.50 7.01
C ALA A 294 13.40 9.07 7.03
N LYS A 295 12.65 8.19 7.70
CA LYS A 295 13.00 6.77 7.74
C LYS A 295 13.01 6.17 6.32
N ARG A 296 11.99 6.48 5.53
CA ARG A 296 11.89 5.91 4.19
C ARG A 296 12.99 6.44 3.27
N LYS A 297 13.43 7.69 3.47
CA LYS A 297 14.54 8.21 2.68
C LYS A 297 15.84 7.51 3.04
N TYR A 298 16.07 7.26 4.33
CA TYR A 298 17.28 6.57 4.75
C TYR A 298 17.27 5.13 4.30
N SER A 299 16.11 4.46 4.42
CA SER A 299 15.97 3.09 3.92
C SER A 299 16.33 3.01 2.45
N SER A 300 15.82 3.95 1.64
CA SER A 300 16.12 3.93 0.21
C SER A 300 17.60 4.20 -0.04
N PHE A 301 18.20 5.09 0.76
CA PHE A 301 19.60 5.43 0.58
C PHE A 301 20.50 4.23 0.85
N ILE A 302 20.29 3.56 1.99
CA ILE A 302 21.04 2.35 2.30
C ILE A 302 20.82 1.29 1.22
N LYS A 303 19.56 1.13 0.79
CA LYS A 303 19.23 0.15 -0.24
C LYS A 303 20.04 0.38 -1.51
N GLU A 304 20.07 1.62 -1.98
CA GLU A 304 20.70 1.90 -3.27
C GLU A 304 22.20 1.65 -3.24
N VAL A 305 22.88 2.08 -2.17
CA VAL A 305 24.32 1.89 -2.10
C VAL A 305 24.66 0.42 -1.94
N GLN A 306 23.85 -0.33 -1.18
CA GLN A 306 24.11 -1.76 -1.01
C GLN A 306 23.83 -2.55 -2.29
N LYS A 307 23.02 -2.02 -3.20
CA LYS A 307 22.93 -2.62 -4.52
C LYS A 307 24.19 -2.40 -5.34
N GLY A 308 25.11 -1.57 -4.87
CA GLY A 308 26.39 -1.35 -5.53
C GLY A 308 26.55 0.00 -6.18
N ASN A 309 25.56 0.88 -6.05
CA ASN A 309 25.60 2.18 -6.69
C ASN A 309 26.40 3.17 -5.85
N ASP A 310 26.79 4.26 -6.50
CA ASP A 310 27.66 5.23 -5.84
C ASP A 310 26.88 6.02 -4.78
N PRO A 311 27.56 6.48 -3.73
CA PRO A 311 26.87 7.20 -2.66
C PRO A 311 26.10 8.45 -3.08
N ARG A 312 26.34 8.98 -4.29
CA ARG A 312 25.50 10.07 -4.78
C ARG A 312 24.14 9.55 -5.26
N ALA A 313 23.63 8.55 -4.55
CA ALA A 313 22.26 8.07 -4.63
C ALA A 313 21.30 8.89 -3.79
N ALA A 314 21.75 10.03 -3.25
CA ALA A 314 20.81 10.97 -2.64
C ALA A 314 19.69 11.30 -3.62
N ALA A 315 20.03 11.43 -4.90
CA ALA A 315 19.02 11.37 -5.96
C ALA A 315 18.57 9.91 -6.04
N ALA A 316 17.52 9.56 -5.31
CA ALA A 316 17.04 8.17 -5.26
C ALA A 316 16.68 7.61 -6.63
N SER A 322 15.70 19.34 -4.17
CA SER A 322 14.90 19.32 -2.94
C SER A 322 14.64 17.88 -2.50
N GLY A 323 14.75 16.95 -3.43
CA GLY A 323 14.87 15.55 -3.07
C GLY A 323 16.28 15.14 -2.74
N SER A 324 17.27 15.89 -3.23
CA SER A 324 18.68 15.66 -2.95
C SER A 324 19.21 16.80 -2.08
N ASN A 325 19.91 16.44 -1.00
CA ASN A 325 20.44 17.40 -0.04
C ASN A 325 21.89 17.07 0.29
N PHE A 326 22.60 16.49 -0.67
CA PHE A 326 24.00 16.13 -0.50
C PHE A 326 24.87 17.33 -0.14
N GLU A 327 25.42 17.32 1.07
CA GLU A 327 26.28 18.37 1.59
C GLU A 327 27.61 17.76 1.99
N LYS A 328 28.63 18.59 2.12
CA LYS A 328 29.94 18.17 2.59
C LYS A 328 30.24 18.91 3.88
N LEU A 329 30.56 18.16 4.93
CA LEU A 329 30.83 18.77 6.21
C LEU A 329 32.33 19.02 6.37
N GLN A 330 32.69 19.71 7.45
CA GLN A 330 34.09 19.94 7.75
C GLN A 330 34.71 18.60 8.16
N GLY A 331 35.64 18.11 7.37
CA GLY A 331 36.24 16.82 7.64
C GLY A 331 36.71 16.16 6.36
N ARG A 332 37.66 15.24 6.52
CA ARG A 332 38.17 14.48 5.38
C ARG A 332 37.07 13.54 4.87
N ASP A 333 36.52 13.84 3.70
CA ASP A 333 35.49 13.01 3.07
C ASP A 333 34.35 12.72 4.03
N LEU A 334 33.87 13.75 4.72
CA LEU A 334 32.75 13.66 5.63
C LEU A 334 31.57 14.41 5.03
N TYR A 335 30.48 13.69 4.77
CA TYR A 335 29.31 14.23 4.10
C TYR A 335 28.06 14.02 4.95
N SER A 336 26.97 14.63 4.50
CA SER A 336 25.71 14.56 5.21
C SER A 336 24.56 14.67 4.21
N ILE A 337 23.42 14.08 4.57
CA ILE A 337 22.19 14.27 3.83
C ILE A 337 21.11 14.65 4.83
N ARG A 338 20.44 15.77 4.57
CA ARG A 338 19.29 16.16 5.38
C ARG A 338 18.11 15.25 5.07
N LEU A 339 17.55 14.63 6.11
CA LEU A 339 16.35 13.81 5.97
C LEU A 339 15.09 14.54 6.39
N SER A 340 15.19 15.37 7.43
CA SER A 340 14.13 16.27 7.84
C SER A 340 14.79 17.53 8.37
N GLN A 341 13.96 18.50 8.78
CA GLN A 341 14.53 19.74 9.30
C GLN A 341 15.27 19.53 10.62
N GLU A 342 15.07 18.39 11.30
CA GLU A 342 15.80 18.07 12.52
C GLU A 342 16.73 16.87 12.39
N HIS A 343 16.49 15.97 11.45
CA HIS A 343 17.25 14.74 11.33
C HIS A 343 18.06 14.68 10.03
N ARG A 344 19.16 13.93 10.08
CA ARG A 344 20.07 13.78 8.96
C ARG A 344 20.76 12.43 9.05
N VAL A 345 21.44 12.06 7.96
CA VAL A 345 22.34 10.91 7.95
C VAL A 345 23.73 11.44 7.59
N THR A 346 24.74 10.97 8.32
CA THR A 346 26.11 11.42 8.15
C THR A 346 26.98 10.23 7.78
N PHE A 347 27.94 10.45 6.88
CA PHE A 347 28.72 9.34 6.35
C PHE A 347 30.02 9.84 5.77
N SER A 348 30.97 8.92 5.66
CA SER A 348 32.23 9.12 4.96
C SER A 348 32.25 8.23 3.71
N ILE A 349 33.14 8.56 2.78
CA ILE A 349 33.20 7.88 1.49
C ILE A 349 34.64 7.42 1.25
N ASN A 350 34.88 6.12 1.42
CA ASN A 350 36.14 5.49 1.04
C ASN A 350 36.11 5.26 -0.47
N ASN A 351 36.84 6.09 -1.22
CA ASN A 351 36.80 6.00 -2.67
C ASN A 351 37.55 4.79 -3.20
N THR A 352 38.61 4.35 -2.52
CA THR A 352 39.43 3.27 -3.07
C THR A 352 38.83 1.90 -2.81
N ASP A 353 38.33 1.65 -1.60
CA ASP A 353 37.75 0.35 -1.26
C ASP A 353 36.27 0.25 -1.57
N GLN A 354 35.66 1.33 -2.07
CA GLN A 354 34.24 1.36 -2.40
C GLN A 354 33.37 1.03 -1.19
N ILE A 355 33.61 1.76 -0.10
CA ILE A 355 32.83 1.62 1.14
C ILE A 355 32.29 2.98 1.54
N MET A 356 30.98 3.04 1.81
CA MET A 356 30.37 4.19 2.48
C MET A 356 30.15 3.82 3.94
N GLU A 357 30.74 4.58 4.85
CA GLU A 357 30.67 4.31 6.27
C GLU A 357 29.73 5.30 6.93
N ILE A 358 28.64 4.79 7.50
CA ILE A 358 27.67 5.65 8.17
C ILE A 358 28.26 6.12 9.50
N GLN A 359 28.16 7.43 9.75
CA GLN A 359 28.62 7.99 11.01
C GLN A 359 27.50 8.23 12.00
N SER A 360 26.29 8.54 11.53
CA SER A 360 25.12 8.70 12.38
C SER A 360 23.88 8.73 11.51
N VAL A 361 22.73 8.42 12.12
CA VAL A 361 21.42 8.63 11.51
C VAL A 361 20.44 9.03 12.60
N GLY A 362 19.68 10.10 12.36
CA GLY A 362 18.77 10.63 13.35
C GLY A 362 19.15 12.07 13.68
N THR A 363 18.97 12.43 14.96
CA THR A 363 19.53 13.71 15.38
C THR A 363 21.04 13.59 15.27
N HIS A 364 21.71 14.74 15.23
CA HIS A 364 23.13 14.64 14.95
C HIS A 364 23.90 14.22 16.20
N TYR A 365 24.98 13.47 15.99
CA TYR A 365 25.83 13.03 17.08
C TYR A 365 26.71 14.19 17.55
N GLN A 366 27.00 14.20 18.85
CA GLN A 366 27.65 15.35 19.46
C GLN A 366 29.14 15.14 19.70
N PRO B 5 -12.27 5.69 -21.66
CA PRO B 5 -12.80 4.52 -22.34
C PRO B 5 -14.23 4.23 -21.93
N VAL B 6 -14.88 5.24 -21.34
CA VAL B 6 -16.22 5.12 -20.80
C VAL B 6 -17.10 6.24 -21.35
N THR B 7 -18.40 6.12 -21.08
CA THR B 7 -19.40 7.11 -21.46
C THR B 7 -19.51 7.22 -22.97
N VAL B 11 -22.74 9.77 -20.64
CA VAL B 11 -23.96 9.06 -20.99
C VAL B 11 -23.75 7.56 -20.92
N ILE B 12 -23.76 7.01 -19.71
CA ILE B 12 -23.75 5.57 -19.50
C ILE B 12 -25.20 5.10 -19.46
N GLN B 13 -25.47 3.98 -20.13
CA GLN B 13 -26.83 3.51 -20.32
C GLN B 13 -26.96 2.03 -19.96
N LEU B 14 -28.13 1.65 -19.47
CA LEU B 14 -28.46 0.27 -19.16
C LEU B 14 -29.23 -0.36 -20.32
N THR B 15 -29.42 -1.67 -20.23
CA THR B 15 -29.92 -2.46 -21.36
C THR B 15 -31.23 -3.14 -21.02
N PRO B 16 -32.34 -2.80 -21.68
CA PRO B 16 -33.57 -3.59 -21.51
C PRO B 16 -33.48 -4.93 -22.23
N ASP B 17 -34.07 -5.96 -21.61
CA ASP B 17 -34.11 -7.31 -22.16
C ASP B 17 -35.18 -7.39 -23.25
N GLN B 29 -37.32 -5.11 -15.93
CA GLN B 29 -36.23 -4.22 -15.57
C GLN B 29 -34.95 -4.57 -16.36
N PRO B 30 -34.09 -3.57 -16.57
CA PRO B 30 -32.90 -3.77 -17.41
C PRO B 30 -32.01 -4.92 -16.93
N VAL B 31 -31.25 -5.47 -17.88
CA VAL B 31 -30.39 -6.62 -17.61
C VAL B 31 -29.40 -6.32 -16.50
N GLU B 32 -28.88 -5.08 -16.46
CA GLU B 32 -27.89 -4.73 -15.45
C GLU B 32 -28.49 -4.75 -14.05
N LYS B 33 -29.76 -4.39 -13.90
CA LYS B 33 -30.39 -4.39 -12.59
C LYS B 33 -30.71 -5.81 -12.11
N GLN B 34 -31.08 -6.70 -13.02
CA GLN B 34 -31.28 -8.10 -12.65
C GLN B 34 -29.99 -8.74 -12.17
N ILE B 35 -28.89 -8.50 -12.89
CA ILE B 35 -27.60 -9.02 -12.46
C ILE B 35 -27.19 -8.40 -11.13
N ALA B 36 -27.39 -7.08 -10.99
CA ALA B 36 -27.10 -6.42 -9.71
C ALA B 36 -27.85 -7.09 -8.56
N GLY B 37 -29.10 -7.49 -8.80
CA GLY B 37 -29.84 -8.21 -7.77
C GLY B 37 -29.19 -9.53 -7.39
N ASP B 38 -28.77 -10.30 -8.40
CA ASP B 38 -28.09 -11.56 -8.12
C ASP B 38 -26.79 -11.33 -7.37
N ILE B 39 -26.02 -10.32 -7.75
CA ILE B 39 -24.75 -10.05 -7.09
C ILE B 39 -24.97 -9.66 -5.64
N ILE B 40 -25.94 -8.78 -5.38
CA ILE B 40 -26.26 -8.36 -4.02
C ILE B 40 -26.62 -9.57 -3.16
N ARG B 41 -27.39 -10.50 -3.73
CA ARG B 41 -27.79 -11.68 -2.96
C ARG B 41 -26.60 -12.57 -2.63
N VAL B 42 -25.81 -12.95 -3.64
CA VAL B 42 -24.75 -13.91 -3.41
C VAL B 42 -23.66 -13.33 -2.52
N LEU B 43 -23.47 -12.00 -2.55
CA LEU B 43 -22.53 -11.35 -1.65
C LEU B 43 -23.12 -11.10 -0.26
N GLU B 44 -24.41 -11.37 -0.07
CA GLU B 44 -25.07 -11.34 1.24
C GLU B 44 -24.99 -9.94 1.87
N PHE B 45 -25.57 -8.98 1.16
CA PHE B 45 -25.61 -7.60 1.64
C PHE B 45 -26.59 -7.43 2.81
N LYS B 46 -27.79 -8.01 2.68
CA LYS B 46 -28.90 -7.70 3.59
C LYS B 46 -28.57 -8.04 5.04
N TYR B 56 -36.02 -5.94 1.54
CA TYR B 56 -35.78 -5.67 0.11
C TYR B 56 -36.59 -4.47 -0.33
N GLY B 57 -36.33 -3.34 0.31
CA GLY B 57 -37.06 -2.12 0.05
C GLY B 57 -36.28 -1.19 -0.84
N ILE B 58 -36.46 0.10 -0.62
CA ILE B 58 -35.88 1.06 -1.55
C ILE B 58 -34.40 1.30 -1.24
N ALA B 59 -33.96 1.01 -0.01
CA ALA B 59 -32.52 1.04 0.27
C ALA B 59 -31.79 -0.05 -0.50
N TYR B 60 -32.45 -1.17 -0.78
CA TYR B 60 -31.87 -2.22 -1.61
C TYR B 60 -31.83 -1.81 -3.07
N ARG B 61 -32.93 -1.24 -3.57
CA ARG B 61 -33.00 -0.84 -4.98
C ARG B 61 -32.03 0.29 -5.30
N ALA B 62 -31.74 1.15 -4.32
CA ALA B 62 -30.73 2.19 -4.54
C ALA B 62 -29.36 1.57 -4.79
N LYS B 63 -28.99 0.59 -3.97
CA LYS B 63 -27.73 -0.13 -4.20
C LYS B 63 -27.77 -0.92 -5.50
N LYS B 64 -28.96 -1.40 -5.88
CA LYS B 64 -29.13 -2.11 -7.15
C LYS B 64 -28.82 -1.21 -8.34
N VAL B 65 -29.20 0.07 -8.25
CA VAL B 65 -28.87 1.03 -9.31
C VAL B 65 -27.36 1.20 -9.42
N ILE B 66 -26.69 1.37 -8.27
CA ILE B 66 -25.25 1.61 -8.26
C ILE B 66 -24.51 0.45 -8.92
N ILE B 67 -24.82 -0.78 -8.50
CA ILE B 67 -24.12 -1.93 -9.04
C ILE B 67 -24.52 -2.16 -10.50
N ALA B 68 -25.75 -1.80 -10.87
CA ALA B 68 -26.14 -1.86 -12.27
C ALA B 68 -25.25 -0.96 -13.13
N TYR B 69 -24.95 0.25 -12.65
CA TYR B 69 -24.09 1.14 -13.40
C TYR B 69 -22.64 0.71 -13.35
N ALA B 70 -22.19 0.13 -12.22
CA ALA B 70 -20.86 -0.46 -12.18
C ALA B 70 -20.72 -1.54 -13.23
N LEU B 71 -21.77 -2.35 -13.41
CA LEU B 71 -21.78 -3.32 -14.50
C LEU B 71 -21.75 -2.63 -15.86
N ALA B 72 -22.54 -1.56 -16.01
CA ALA B 72 -22.63 -0.86 -17.29
C ALA B 72 -21.28 -0.27 -17.70
N VAL B 73 -20.65 0.50 -16.81
CA VAL B 73 -19.38 1.13 -17.16
C VAL B 73 -18.28 0.09 -17.33
N SER B 74 -18.45 -1.10 -16.79
CA SER B 74 -17.52 -2.20 -17.01
C SER B 74 -17.82 -2.99 -18.27
N GLY B 75 -18.84 -2.58 -19.03
CA GLY B 75 -19.17 -3.24 -20.27
C GLY B 75 -19.96 -4.52 -20.13
N ILE B 76 -20.52 -4.80 -18.96
CA ILE B 76 -21.33 -5.99 -18.75
C ILE B 76 -22.78 -5.62 -19.06
N HIS B 77 -23.29 -6.12 -20.18
CA HIS B 77 -24.65 -5.82 -20.60
C HIS B 77 -25.45 -7.08 -20.93
N ASN B 78 -24.88 -8.26 -20.75
CA ASN B 78 -25.56 -9.53 -20.94
C ASN B 78 -25.02 -10.50 -19.91
N VAL B 79 -25.89 -11.39 -19.42
CA VAL B 79 -25.45 -12.40 -18.47
C VAL B 79 -24.39 -13.31 -19.09
N SER B 80 -24.38 -13.42 -20.42
CA SER B 80 -23.42 -14.26 -21.11
C SER B 80 -22.00 -13.71 -21.06
N GLN B 81 -21.81 -12.49 -20.58
CA GLN B 81 -20.46 -11.93 -20.41
C GLN B 81 -19.89 -12.20 -19.02
N LEU B 82 -20.69 -12.72 -18.11
CA LEU B 82 -20.28 -13.08 -16.76
C LEU B 82 -19.92 -14.56 -16.68
N PRO B 83 -19.13 -14.95 -15.68
CA PRO B 83 -18.95 -16.39 -15.43
C PRO B 83 -20.28 -17.06 -15.12
N GLU B 84 -20.39 -18.32 -15.53
CA GLU B 84 -21.67 -19.02 -15.37
C GLU B 84 -22.09 -19.16 -13.92
N ASP B 85 -21.14 -19.08 -12.98
CA ASP B 85 -21.45 -19.21 -11.56
C ASP B 85 -21.50 -17.86 -10.86
N TYR B 86 -21.67 -16.76 -11.60
CA TYR B 86 -21.67 -15.43 -10.99
C TYR B 86 -22.75 -15.31 -9.92
N TYR B 87 -23.91 -15.93 -10.15
CA TYR B 87 -25.02 -15.83 -9.22
C TYR B 87 -24.89 -16.78 -8.03
N LYS B 88 -23.91 -17.68 -8.03
CA LYS B 88 -23.82 -18.70 -6.99
C LYS B 88 -22.47 -18.81 -6.29
N ASN B 89 -21.44 -18.08 -6.73
CA ASN B 89 -20.11 -18.17 -6.15
C ASN B 89 -19.79 -16.87 -5.44
N LYS B 90 -19.87 -16.89 -4.11
CA LYS B 90 -19.66 -15.68 -3.32
C LYS B 90 -18.24 -15.13 -3.49
N ASP B 91 -17.24 -16.02 -3.49
CA ASP B 91 -15.85 -15.58 -3.53
C ASP B 91 -15.48 -15.03 -4.90
N ASN B 92 -15.78 -15.78 -5.96
CA ASN B 92 -15.46 -15.32 -7.31
C ASN B 92 -16.21 -14.04 -7.64
N THR B 93 -17.51 -13.99 -7.35
CA THR B 93 -18.31 -12.81 -7.67
C THR B 93 -17.86 -11.60 -6.85
N GLY B 94 -17.43 -11.82 -5.61
CA GLY B 94 -16.88 -10.73 -4.82
C GLY B 94 -15.70 -10.06 -5.51
N ARG B 95 -14.84 -10.85 -6.14
CA ARG B 95 -13.69 -10.30 -6.83
C ARG B 95 -14.11 -9.42 -8.00
N ILE B 96 -14.96 -9.93 -8.89
CA ILE B 96 -15.38 -9.15 -10.05
C ILE B 96 -16.23 -7.97 -9.62
N TYR B 97 -17.04 -8.13 -8.56
CA TYR B 97 -17.79 -7.01 -8.01
C TYR B 97 -16.86 -5.85 -7.62
N GLN B 98 -15.72 -6.18 -7.00
CA GLN B 98 -14.78 -5.14 -6.60
C GLN B 98 -14.13 -4.47 -7.79
N GLU B 99 -13.83 -5.24 -8.85
CA GLU B 99 -13.30 -4.64 -10.07
C GLU B 99 -14.31 -3.68 -10.70
N TYR B 100 -15.55 -4.15 -10.88
CA TYR B 100 -16.57 -3.31 -11.51
C TYR B 100 -16.82 -2.04 -10.71
N MET B 101 -16.87 -2.15 -9.38
CA MET B 101 -17.06 -0.97 -8.54
C MET B 101 -15.89 -0.01 -8.70
N SER B 102 -14.67 -0.54 -8.85
CA SER B 102 -13.51 0.32 -9.07
C SER B 102 -13.59 1.02 -10.41
N ASN B 103 -14.07 0.32 -11.44
CA ASN B 103 -14.33 0.98 -12.72
C ASN B 103 -15.33 2.12 -12.54
N LEU B 104 -16.36 1.91 -11.72
CA LEU B 104 -17.34 2.95 -11.49
C LEU B 104 -16.74 4.12 -10.73
N LEU B 105 -15.89 3.84 -9.74
CA LEU B 105 -15.18 4.90 -9.03
C LEU B 105 -14.30 5.70 -9.99
N SER B 106 -13.59 5.01 -10.88
CA SER B 106 -12.78 5.71 -11.87
C SER B 106 -13.64 6.60 -12.75
N ALA B 107 -14.78 6.09 -13.21
CA ALA B 107 -15.68 6.89 -14.03
C ALA B 107 -16.18 8.13 -13.29
N LEU B 108 -16.48 8.00 -12.01
CA LEU B 108 -16.93 9.16 -11.23
C LEU B 108 -15.82 10.19 -11.09
N LEU B 109 -14.57 9.73 -10.92
CA LEU B 109 -13.44 10.64 -10.83
C LEU B 109 -13.00 11.16 -12.18
N GLY B 110 -13.56 10.63 -13.26
CA GLY B 110 -13.17 11.03 -14.59
C GLY B 110 -13.84 12.31 -15.04
N GLU B 111 -13.59 12.63 -16.32
CA GLU B 111 -14.05 13.87 -16.91
C GLU B 111 -15.57 13.99 -16.90
N ASN B 112 -16.28 12.85 -16.94
CA ASN B 112 -17.74 12.84 -17.03
C ASN B 112 -18.40 12.42 -15.73
N GLY B 113 -17.66 12.45 -14.62
CA GLY B 113 -18.17 11.88 -13.38
C GLY B 113 -19.40 12.59 -12.83
N ASP B 114 -19.50 13.89 -13.04
CA ASP B 114 -20.64 14.63 -12.50
C ASP B 114 -21.94 14.19 -13.16
N GLN B 115 -21.96 14.13 -14.50
CA GLN B 115 -23.17 13.76 -15.21
C GLN B 115 -23.56 12.31 -14.97
N ILE B 116 -22.58 11.40 -14.90
CA ILE B 116 -22.87 10.01 -14.59
C ILE B 116 -23.62 9.90 -13.27
N SER B 117 -23.17 10.66 -12.26
CA SER B 117 -23.87 10.68 -10.98
C SER B 117 -25.31 11.14 -11.14
N LYS B 118 -25.55 12.16 -11.97
CA LYS B 118 -26.92 12.62 -12.19
C LYS B 118 -27.73 11.58 -12.97
N ASP B 119 -27.10 10.93 -13.95
CA ASP B 119 -27.76 9.85 -14.68
C ASP B 119 -28.25 8.77 -13.72
N MET B 120 -27.38 8.34 -12.79
CA MET B 120 -27.76 7.31 -11.83
C MET B 120 -28.85 7.80 -10.90
N ALA B 121 -28.73 9.03 -10.40
CA ALA B 121 -29.72 9.56 -9.47
C ALA B 121 -31.08 9.73 -10.14
N ASN B 122 -31.09 10.19 -11.40
CA ASN B 122 -32.35 10.33 -12.12
C ASN B 122 -32.95 8.96 -12.42
N ASP B 123 -32.11 8.00 -12.84
CA ASP B 123 -32.58 6.62 -13.02
C ASP B 123 -33.24 6.10 -11.76
N PHE B 124 -32.60 6.33 -10.61
CA PHE B 124 -33.15 5.86 -9.34
C PHE B 124 -34.51 6.47 -9.04
N THR B 125 -34.62 7.80 -9.19
CA THR B 125 -35.87 8.46 -8.83
C THR B 125 -36.98 8.14 -9.81
N GLN B 126 -36.70 8.13 -11.11
CA GLN B 126 -37.73 7.82 -12.10
C GLN B 126 -38.27 6.41 -11.90
N ASN B 127 -37.37 5.43 -11.78
CA ASN B 127 -37.76 4.03 -11.66
C ASN B 127 -38.03 3.64 -10.21
N ASN B 138 -46.94 13.86 -4.28
CA ASN B 138 -46.36 12.98 -3.28
C ASN B 138 -45.02 13.51 -2.78
N THR B 139 -44.71 13.22 -1.53
CA THR B 139 -43.44 13.60 -0.93
C THR B 139 -42.74 12.36 -0.38
N TRP B 140 -41.43 12.44 -0.25
CA TRP B 140 -40.62 11.37 0.33
C TRP B 140 -39.98 11.84 1.64
N ASP B 141 -39.67 10.87 2.50
CA ASP B 141 -39.15 11.14 3.84
C ASP B 141 -37.63 11.27 3.81
N ILE B 142 -37.16 12.42 3.31
CA ILE B 142 -35.73 12.68 3.18
C ILE B 142 -35.40 14.05 3.78
N PRO B 143 -34.31 14.17 4.53
CA PRO B 143 -33.91 15.49 5.04
C PRO B 143 -33.72 16.50 3.92
N ASP B 144 -34.20 17.72 4.15
CA ASP B 144 -34.14 18.81 3.18
C ASP B 144 -34.85 18.48 1.88
N LEU B 145 -35.80 17.55 1.94
CA LEU B 145 -36.55 17.13 0.76
C LEU B 145 -37.93 16.64 1.11
N GLU B 146 -38.29 16.59 2.40
CA GLU B 146 -39.57 16.03 2.82
C GLU B 146 -40.77 16.83 2.33
N ASN B 147 -40.58 18.12 2.01
CA ASN B 147 -41.67 19.00 1.61
C ASN B 147 -41.66 19.37 0.14
N LYS B 148 -40.88 18.66 -0.68
CA LYS B 148 -40.69 18.97 -2.10
C LYS B 148 -41.45 17.94 -2.91
N LEU B 149 -42.28 18.40 -3.85
CA LEU B 149 -43.03 17.49 -4.71
C LEU B 149 -42.14 16.83 -5.75
N LEU B 150 -42.62 15.69 -6.24
CA LEU B 150 -41.76 14.74 -6.93
C LEU B 150 -41.16 15.30 -8.22
N GLU B 151 -41.93 16.11 -8.94
CA GLU B 151 -41.53 16.67 -10.22
C GLU B 151 -40.60 17.87 -10.09
N ASP B 152 -40.64 18.58 -8.97
CA ASP B 152 -39.82 19.76 -8.75
C ASP B 152 -38.45 19.41 -8.22
N TYR B 153 -38.18 18.14 -7.98
CA TYR B 153 -36.90 17.65 -7.50
C TYR B 153 -35.79 17.99 -8.49
N SER B 154 -34.82 18.79 -8.06
CA SER B 154 -33.66 19.05 -8.90
C SER B 154 -32.74 17.84 -8.98
N ASP B 155 -31.77 17.92 -9.88
CA ASP B 155 -30.76 16.88 -9.99
C ASP B 155 -29.99 16.71 -8.69
N GLU B 156 -29.76 17.82 -7.97
CA GLU B 156 -29.09 17.73 -6.68
C GLU B 156 -29.99 17.06 -5.65
N ASP B 157 -31.30 17.36 -5.70
CA ASP B 157 -32.25 16.63 -4.88
C ASP B 157 -32.25 15.15 -5.23
N LYS B 158 -32.19 14.83 -6.53
CA LYS B 158 -32.12 13.43 -6.95
C LYS B 158 -30.82 12.79 -6.47
N LEU B 159 -29.71 13.52 -6.56
CA LEU B 159 -28.45 13.03 -6.00
C LEU B 159 -28.60 12.74 -4.51
N LEU B 160 -29.22 13.67 -3.78
CA LEU B 160 -29.46 13.48 -2.35
C LEU B 160 -30.33 12.26 -2.09
N ALA B 161 -31.37 12.07 -2.91
CA ALA B 161 -32.27 10.93 -2.73
C ALA B 161 -31.54 9.61 -2.91
N LEU B 162 -30.79 9.47 -4.00
CA LEU B 162 -30.00 8.26 -4.21
C LEU B 162 -29.00 8.06 -3.07
N TYR B 163 -28.34 9.15 -2.67
CA TYR B 163 -27.35 9.08 -1.59
C TYR B 163 -27.97 8.59 -0.28
N PHE B 164 -29.03 9.27 0.16
CA PHE B 164 -29.62 8.98 1.47
C PHE B 164 -30.01 7.50 1.57
N PHE B 165 -30.76 7.00 0.58
CA PHE B 165 -31.26 5.63 0.67
C PHE B 165 -30.14 4.61 0.49
N ALA B 166 -29.19 4.86 -0.43
CA ALA B 166 -28.07 3.95 -0.60
C ALA B 166 -27.28 3.78 0.70
N SER B 167 -27.20 4.84 1.53
CA SER B 167 -26.39 4.80 2.75
C SER B 167 -26.96 3.92 3.85
N GLN B 168 -28.24 3.66 3.82
CA GLN B 168 -28.94 2.86 4.81
C GLN B 168 -28.60 1.40 4.70
N GLU B 169 -28.72 0.69 5.82
CA GLU B 169 -28.38 -0.73 5.92
C GLU B 169 -26.89 -1.01 5.64
N LEU B 170 -26.06 0.01 5.80
CA LEU B 170 -24.62 -0.11 5.58
C LEU B 170 -23.90 0.13 6.91
N PRO B 171 -23.26 -0.88 7.50
CA PRO B 171 -22.67 -0.75 8.83
C PRO B 171 -21.46 0.19 8.84
N ALA B 180 -16.60 -8.07 4.43
CA ALA B 180 -16.64 -6.69 4.88
C ALA B 180 -16.25 -5.73 3.75
N ALA B 181 -15.16 -6.06 3.05
CA ALA B 181 -14.64 -5.20 1.99
C ALA B 181 -15.66 -4.96 0.89
N ASN B 182 -16.58 -5.90 0.64
CA ASN B 182 -17.55 -5.73 -0.43
C ASN B 182 -18.48 -4.55 -0.16
N PHE B 183 -19.01 -4.47 1.06
CA PHE B 183 -19.94 -3.39 1.41
C PHE B 183 -19.25 -2.03 1.41
N PHE B 184 -17.97 -1.97 1.75
CA PHE B 184 -17.25 -0.70 1.81
C PHE B 184 -17.14 -0.04 0.44
N LYS B 185 -17.20 -0.83 -0.63
CA LYS B 185 -17.18 -0.26 -1.98
C LYS B 185 -18.39 0.65 -2.21
N VAL B 186 -19.52 0.34 -1.59
CA VAL B 186 -20.68 1.22 -1.72
C VAL B 186 -20.48 2.49 -0.90
N ILE B 187 -19.83 2.38 0.25
CA ILE B 187 -19.45 3.56 1.02
C ILE B 187 -18.51 4.43 0.20
N ASP B 188 -17.47 3.80 -0.37
CA ASP B 188 -16.54 4.53 -1.23
C ASP B 188 -17.27 5.31 -2.32
N PHE B 189 -18.20 4.65 -3.02
CA PHE B 189 -18.94 5.31 -4.09
C PHE B 189 -19.65 6.56 -3.59
N LEU B 190 -20.35 6.45 -2.46
CA LEU B 190 -21.19 7.56 -1.99
C LEU B 190 -20.37 8.80 -1.65
N LEU B 191 -19.27 8.61 -0.90
CA LEU B 191 -18.42 9.73 -0.50
C LEU B 191 -17.87 10.41 -1.76
N ILE B 192 -17.37 9.58 -2.73
CA ILE B 192 -16.86 10.07 -4.02
C ILE B 192 -17.87 11.02 -4.62
N LEU B 193 -19.09 10.50 -4.79
CA LEU B 193 -20.18 11.19 -5.44
C LEU B 193 -20.45 12.52 -4.78
N SER B 194 -20.41 12.56 -3.46
CA SER B 194 -20.61 13.82 -2.76
C SER B 194 -19.48 14.80 -3.08
N ALA B 195 -18.28 14.30 -3.36
CA ALA B 195 -17.17 15.17 -3.73
C ALA B 195 -17.16 15.50 -5.21
N VAL B 196 -17.48 14.52 -6.07
CA VAL B 196 -17.44 14.75 -7.51
C VAL B 196 -18.58 15.66 -7.94
N THR B 197 -19.72 15.57 -7.26
CA THR B 197 -20.84 16.46 -7.51
C THR B 197 -20.79 17.62 -6.51
N SER B 198 -21.75 18.52 -6.66
CA SER B 198 -21.93 19.59 -5.69
C SER B 198 -22.56 19.11 -4.38
N LEU B 199 -23.06 17.87 -4.34
CA LEU B 199 -23.82 17.40 -3.19
C LEU B 199 -23.07 17.58 -1.88
N GLY B 200 -21.76 17.32 -1.88
CA GLY B 200 -20.98 17.40 -0.64
C GLY B 200 -20.99 18.78 -0.01
N LYS B 201 -21.19 19.82 -0.82
CA LYS B 201 -21.31 21.17 -0.25
C LYS B 201 -22.59 21.31 0.56
N ARG B 202 -23.67 20.68 0.10
CA ARG B 202 -24.97 20.79 0.78
C ARG B 202 -24.98 19.98 2.07
N ILE B 203 -24.71 18.68 1.97
CA ILE B 203 -24.89 17.79 3.11
C ILE B 203 -23.86 18.03 4.21
N PHE B 204 -22.69 18.57 3.88
CA PHE B 204 -21.64 18.77 4.87
C PHE B 204 -21.51 20.20 5.33
N SER B 205 -22.46 21.06 4.98
CA SER B 205 -22.57 22.37 5.61
C SER B 205 -23.61 22.26 6.73
N LYS B 206 -23.46 23.13 7.72
CA LYS B 206 -24.29 23.01 8.92
C LYS B 206 -25.72 23.49 8.69
N ASN B 207 -25.94 24.42 7.77
CA ASN B 207 -27.29 24.90 7.49
C ASN B 207 -28.19 23.80 6.94
N PHE B 208 -27.61 22.73 6.37
CA PHE B 208 -28.38 21.59 5.89
C PHE B 208 -29.27 21.04 7.01
N TYR B 209 -28.76 21.04 8.23
CA TYR B 209 -29.50 20.57 9.40
C TYR B 209 -30.17 21.71 10.16
N ASN B 210 -29.54 22.89 10.17
CA ASN B 210 -30.11 24.05 10.83
C ASN B 210 -31.34 24.59 10.10
N GLY B 211 -31.62 24.12 8.90
CA GLY B 211 -32.85 24.50 8.24
C GLY B 211 -34.01 23.57 8.46
N LEU B 212 -33.83 22.50 9.25
CA LEU B 212 -34.89 21.57 9.55
C LEU B 212 -35.38 21.73 10.98
N GLU B 213 -36.62 21.30 11.21
CA GLU B 213 -37.16 21.15 12.56
C GLU B 213 -36.61 19.91 13.24
N THR B 214 -36.50 19.98 14.57
CA THR B 214 -36.03 18.85 15.37
C THR B 214 -37.07 17.73 15.43
N LEU B 217 -35.74 16.09 12.31
CA LEU B 217 -34.56 15.43 12.85
C LEU B 217 -34.98 14.60 14.00
N GLU B 218 -33.98 14.19 14.78
CA GLU B 218 -34.08 13.31 15.95
C GLU B 218 -34.51 11.92 15.49
N ASN B 219 -35.67 11.82 14.85
CA ASN B 219 -36.07 10.58 14.22
C ASN B 219 -35.03 10.17 13.17
N TYR B 220 -34.38 11.15 12.54
CA TYR B 220 -33.30 10.84 11.61
C TYR B 220 -32.05 10.30 12.33
N ILE B 221 -31.62 10.91 13.44
CA ILE B 221 -30.45 10.36 14.12
C ILE B 221 -30.78 9.01 14.75
N GLU B 222 -31.97 8.89 15.36
CA GLU B 222 -32.35 7.65 16.02
C GLU B 222 -32.77 6.63 14.97
N LYS B 224 -31.00 5.60 12.45
CA LYS B 224 -29.73 5.40 11.77
C LYS B 224 -29.80 6.01 10.37
N LYS B 225 -30.65 7.02 10.22
CA LYS B 225 -30.81 7.63 8.92
C LYS B 225 -29.69 8.59 8.54
N LEU B 226 -28.98 9.14 9.51
CA LEU B 226 -27.85 10.00 9.23
C LEU B 226 -26.55 9.42 9.76
N SER B 227 -26.29 8.14 9.47
CA SER B 227 -25.10 7.48 9.97
C SER B 227 -23.84 8.07 9.33
N LYS B 228 -22.73 7.96 10.05
CA LYS B 228 -21.42 8.32 9.53
C LYS B 228 -20.91 7.23 8.58
N PRO B 229 -20.02 7.58 7.63
CA PRO B 229 -19.50 8.92 7.35
C PRO B 229 -20.45 9.73 6.47
N PHE B 230 -21.64 9.18 6.23
CA PHE B 230 -22.54 9.73 5.22
C PHE B 230 -23.01 11.13 5.56
N PHE B 231 -23.33 11.40 6.82
CA PHE B 231 -23.87 12.68 7.22
C PHE B 231 -23.17 13.17 8.48
N ARG B 232 -23.26 14.48 8.72
CA ARG B 232 -22.60 15.12 9.85
C ARG B 232 -23.58 15.96 10.67
N PRO B 233 -24.62 15.34 11.24
CA PRO B 233 -25.51 16.10 12.11
C PRO B 233 -24.78 16.53 13.38
N PRO B 234 -25.14 17.68 13.95
CA PRO B 234 -24.55 18.19 15.19
C PRO B 234 -24.61 17.21 16.36
N ASN B 270 -14.11 18.72 9.96
CA ASN B 270 -15.26 18.89 9.08
C ASN B 270 -14.81 19.28 7.66
N TRP B 271 -13.71 18.67 7.21
CA TRP B 271 -13.20 18.94 5.87
C TRP B 271 -14.07 18.30 4.80
N ARG B 272 -14.03 18.87 3.60
CA ARG B 272 -14.66 18.28 2.43
C ARG B 272 -13.91 18.73 1.19
N VAL B 273 -14.15 18.04 0.08
CA VAL B 273 -13.50 18.31 -1.19
C VAL B 273 -14.43 19.13 -2.07
N SER B 274 -13.85 20.10 -2.79
CA SER B 274 -14.53 20.82 -3.86
C SER B 274 -13.80 20.54 -5.15
N LEU B 275 -14.50 19.94 -6.12
CA LEU B 275 -13.92 19.66 -7.42
C LEU B 275 -14.48 20.57 -8.52
N GLN B 276 -14.99 21.76 -8.19
CA GLN B 276 -15.56 22.60 -9.24
C GLN B 276 -14.51 23.09 -10.23
N LYS B 277 -13.30 23.43 -9.75
CA LYS B 277 -12.27 23.88 -10.69
C LYS B 277 -11.97 22.81 -11.73
N LEU B 278 -12.38 21.57 -11.46
CA LEU B 278 -12.24 20.47 -12.40
C LEU B 278 -13.52 20.17 -13.18
N ARG B 279 -14.70 20.47 -12.61
CA ARG B 279 -15.92 20.36 -13.41
C ARG B 279 -15.92 21.41 -14.51
N ASP B 280 -15.64 22.65 -14.13
CA ASP B 280 -15.30 23.67 -15.11
C ASP B 280 -13.87 23.43 -15.53
N ASN B 281 -13.59 23.63 -16.82
CA ASN B 281 -12.29 23.29 -17.38
C ASN B 281 -11.92 21.84 -17.10
N PRO B 282 -12.57 20.88 -17.76
CA PRO B 282 -12.19 19.47 -17.56
C PRO B 282 -10.78 19.14 -18.05
N SER B 283 -10.15 20.03 -18.81
CA SER B 283 -8.79 19.80 -19.28
C SER B 283 -7.78 19.72 -18.15
N ARG B 284 -8.14 20.16 -16.96
CA ARG B 284 -7.31 19.97 -15.79
C ARG B 284 -7.39 18.53 -15.27
N ASN B 285 -8.37 17.75 -15.72
CA ASN B 285 -8.54 16.36 -15.33
C ASN B 285 -8.00 15.45 -16.43
N THR B 286 -6.89 14.79 -16.16
CA THR B 286 -6.41 13.68 -16.97
C THR B 286 -6.26 12.42 -16.11
N PHE B 287 -7.14 12.28 -15.12
CA PHE B 287 -7.16 11.12 -14.24
C PHE B 287 -7.17 9.81 -15.01
N MET B 288 -7.96 9.74 -16.07
CA MET B 288 -8.11 8.50 -16.82
C MET B 288 -6.81 8.07 -17.50
N LYS B 289 -5.94 9.02 -17.81
CA LYS B 289 -4.68 8.72 -18.48
C LYS B 289 -3.61 8.20 -17.54
N MET B 290 -3.83 8.23 -16.23
CA MET B 290 -2.86 7.78 -15.26
C MET B 290 -2.79 6.25 -15.21
N ASP B 291 -1.74 5.74 -14.58
CA ASP B 291 -1.67 4.31 -14.35
C ASP B 291 -2.61 3.90 -13.21
N ASP B 292 -2.82 2.59 -13.08
CA ASP B 292 -3.82 2.08 -12.14
C ASP B 292 -3.49 2.46 -10.71
N ALA B 293 -2.21 2.45 -10.34
CA ALA B 293 -1.84 2.74 -8.95
C ALA B 293 -2.02 4.21 -8.61
N ALA B 294 -1.75 5.11 -9.57
CA ALA B 294 -2.01 6.53 -9.34
C ALA B 294 -3.50 6.80 -9.21
N LYS B 295 -4.32 6.15 -10.04
CA LYS B 295 -5.77 6.32 -9.94
C LYS B 295 -6.27 5.89 -8.57
N ARG B 296 -5.84 4.71 -8.11
CA ARG B 296 -6.30 4.20 -6.82
C ARG B 296 -5.73 5.02 -5.67
N LYS B 297 -4.53 5.60 -5.85
CA LYS B 297 -3.99 6.51 -4.85
C LYS B 297 -4.80 7.80 -4.79
N TYR B 298 -5.24 8.30 -5.96
CA TYR B 298 -6.01 9.54 -6.02
C TYR B 298 -7.39 9.37 -5.40
N SER B 299 -8.07 8.26 -5.70
CA SER B 299 -9.39 8.01 -5.11
C SER B 299 -9.33 8.04 -3.58
N SER B 300 -8.32 7.40 -2.99
CA SER B 300 -8.21 7.36 -1.53
C SER B 300 -8.02 8.75 -0.94
N PHE B 301 -7.27 9.62 -1.63
CA PHE B 301 -7.04 10.97 -1.11
C PHE B 301 -8.35 11.76 -1.06
N ILE B 302 -9.10 11.78 -2.17
CA ILE B 302 -10.41 12.41 -2.16
C ILE B 302 -11.31 11.76 -1.13
N LYS B 303 -11.27 10.42 -1.08
CA LYS B 303 -12.08 9.66 -0.14
C LYS B 303 -11.80 10.06 1.31
N GLU B 304 -10.53 10.16 1.68
CA GLU B 304 -10.19 10.41 3.09
C GLU B 304 -10.61 11.81 3.53
N VAL B 305 -10.37 12.83 2.70
CA VAL B 305 -10.69 14.19 3.10
C VAL B 305 -12.21 14.39 3.18
N GLN B 306 -12.96 13.73 2.29
CA GLN B 306 -14.41 13.82 2.34
C GLN B 306 -14.98 13.11 3.57
N LYS B 307 -14.24 12.15 4.14
CA LYS B 307 -14.59 11.60 5.45
C LYS B 307 -14.37 12.60 6.58
N GLY B 308 -13.76 13.75 6.30
CA GLY B 308 -13.60 14.81 7.28
C GLY B 308 -12.20 15.10 7.75
N ASN B 309 -11.18 14.40 7.23
CA ASN B 309 -9.81 14.65 7.65
C ASN B 309 -9.20 15.79 6.84
N ASP B 310 -8.15 16.39 7.40
CA ASP B 310 -7.44 17.48 6.75
C ASP B 310 -6.56 16.93 5.63
N PRO B 311 -6.16 17.77 4.66
CA PRO B 311 -5.36 17.27 3.53
C PRO B 311 -4.10 16.51 3.93
N ARG B 312 -3.67 16.62 5.19
CA ARG B 312 -2.57 15.77 5.63
C ARG B 312 -3.08 14.37 5.94
N ALA B 313 -4.13 13.94 5.25
CA ALA B 313 -4.48 12.53 5.16
C ALA B 313 -3.74 11.85 4.03
N ALA B 314 -2.90 12.60 3.32
CA ALA B 314 -1.91 12.01 2.41
C ALA B 314 -0.97 11.07 3.16
N ALA B 315 -0.69 11.37 4.43
CA ALA B 315 0.05 10.43 5.26
C ALA B 315 -0.73 9.13 5.46
N ALA B 316 -2.05 9.24 5.65
CA ALA B 316 -2.85 8.03 5.81
C ALA B 316 -2.74 7.11 4.59
N SER B 317 -2.59 7.71 3.40
CA SER B 317 -2.40 6.94 2.18
C SER B 317 -1.02 6.28 2.16
N ASN B 325 5.71 12.70 0.83
CA ASN B 325 5.24 12.92 -0.53
C ASN B 325 4.17 14.02 -0.60
N PHE B 326 4.26 14.94 0.36
CA PHE B 326 3.39 16.11 0.42
C PHE B 326 4.28 17.34 0.19
N GLU B 327 4.04 18.05 -0.91
CA GLU B 327 4.87 19.18 -1.27
C GLU B 327 4.07 20.47 -1.39
N LYS B 328 4.79 21.59 -1.34
CA LYS B 328 4.24 22.93 -1.44
C LYS B 328 4.90 23.68 -2.60
N LEU B 329 4.08 24.31 -3.44
CA LEU B 329 4.56 25.05 -4.60
C LEU B 329 4.80 26.52 -4.25
N GLN B 330 5.25 27.29 -5.24
CA GLN B 330 5.60 28.69 -5.03
C GLN B 330 4.42 29.54 -4.61
N GLY B 331 3.20 29.19 -5.02
CA GLY B 331 2.05 29.99 -4.68
C GLY B 331 1.56 29.77 -3.26
N ARG B 332 0.91 30.79 -2.71
CA ARG B 332 0.29 30.69 -1.40
C ARG B 332 -0.93 29.77 -1.48
N ASP B 333 -0.93 28.73 -0.64
CA ASP B 333 -1.97 27.72 -0.63
C ASP B 333 -2.06 26.97 -1.96
N LEU B 334 -0.89 26.64 -2.52
CA LEU B 334 -0.78 25.76 -3.68
C LEU B 334 0.03 24.55 -3.24
N TYR B 335 -0.59 23.37 -3.23
CA TYR B 335 0.06 22.16 -2.76
C TYR B 335 -0.10 21.04 -3.76
N SER B 336 0.65 19.96 -3.55
CA SER B 336 0.63 18.81 -4.44
C SER B 336 0.99 17.53 -3.68
N ILE B 337 0.53 16.39 -4.22
CA ILE B 337 0.94 15.07 -3.76
C ILE B 337 1.33 14.22 -4.97
N ARG B 338 2.47 13.54 -4.86
CA ARG B 338 2.88 12.57 -5.87
C ARG B 338 1.95 11.35 -5.86
N LEU B 339 1.36 11.05 -7.02
CA LEU B 339 0.60 9.82 -7.22
C LEU B 339 1.40 8.78 -7.98
N SER B 340 2.21 9.24 -8.94
CA SER B 340 3.19 8.43 -9.63
C SER B 340 4.39 9.32 -9.90
N GLN B 341 5.44 8.75 -10.50
CA GLN B 341 6.62 9.56 -10.79
C GLN B 341 6.35 10.62 -11.86
N GLU B 342 5.29 10.45 -12.66
CA GLU B 342 4.95 11.43 -13.69
C GLU B 342 3.64 12.16 -13.46
N HIS B 343 2.70 11.57 -12.73
CA HIS B 343 1.43 12.24 -12.47
C HIS B 343 1.32 12.60 -11.01
N ARG B 344 0.59 13.69 -10.74
CA ARG B 344 0.44 14.24 -9.40
C ARG B 344 -0.92 14.91 -9.33
N VAL B 345 -1.31 15.31 -8.12
CA VAL B 345 -2.53 16.07 -7.90
C VAL B 345 -2.14 17.42 -7.30
N THR B 346 -2.78 18.49 -7.80
CA THR B 346 -2.52 19.85 -7.37
C THR B 346 -3.81 20.43 -6.81
N PHE B 347 -3.70 21.19 -5.73
CA PHE B 347 -4.88 21.62 -4.99
C PHE B 347 -4.54 22.81 -4.10
N SER B 348 -5.58 23.51 -3.66
CA SER B 348 -5.49 24.55 -2.65
C SER B 348 -6.15 24.07 -1.36
N ILE B 349 -5.83 24.76 -0.26
CA ILE B 349 -6.29 24.37 1.07
C ILE B 349 -6.95 25.60 1.72
N ASN B 350 -8.27 25.60 1.77
CA ASN B 350 -9.03 26.60 2.54
C ASN B 350 -9.02 26.16 4.00
N ASN B 351 -8.19 26.83 4.81
CA ASN B 351 -8.06 26.44 6.21
C ASN B 351 -9.26 26.87 7.05
N THR B 352 -9.91 27.98 6.69
CA THR B 352 -10.97 28.51 7.55
C THR B 352 -12.28 27.74 7.38
N ASP B 353 -12.69 27.45 6.14
CA ASP B 353 -13.91 26.71 5.88
C ASP B 353 -13.69 25.22 5.77
N GLN B 354 -12.43 24.76 5.89
CA GLN B 354 -12.07 23.35 5.79
C GLN B 354 -12.49 22.77 4.44
N ILE B 355 -12.06 23.42 3.36
CA ILE B 355 -12.33 23.00 2.00
C ILE B 355 -11.00 22.77 1.30
N MET B 356 -10.84 21.59 0.69
CA MET B 356 -9.73 21.34 -0.22
C MET B 356 -10.25 21.38 -1.66
N GLU B 357 -9.69 22.28 -2.46
CA GLU B 357 -10.11 22.47 -3.85
C GLU B 357 -9.03 21.93 -4.78
N ILE B 358 -9.39 20.91 -5.57
CA ILE B 358 -8.45 20.33 -6.51
C ILE B 358 -8.23 21.27 -7.68
N GLN B 359 -6.96 21.47 -8.04
CA GLN B 359 -6.63 22.28 -9.21
C GLN B 359 -6.32 21.44 -10.44
N SER B 360 -5.75 20.24 -10.28
CA SER B 360 -5.50 19.37 -11.42
C SER B 360 -5.15 17.99 -10.93
N VAL B 361 -5.25 17.02 -11.83
CA VAL B 361 -4.74 15.67 -11.62
C VAL B 361 -4.15 15.18 -12.93
N GLY B 362 -2.95 14.62 -12.86
CA GLY B 362 -2.19 14.23 -14.05
C GLY B 362 -0.75 14.71 -14.06
N THR B 363 -0.21 14.99 -15.25
CA THR B 363 1.20 15.34 -15.43
C THR B 363 1.58 16.68 -14.78
N HIS B 364 2.90 16.88 -14.71
CA HIS B 364 3.56 17.99 -14.04
C HIS B 364 4.97 18.08 -14.62
N TYR B 365 5.58 19.26 -14.47
CA TYR B 365 6.96 19.45 -14.94
C TYR B 365 7.94 18.67 -14.08
#